data_1BSX
#
_entry.id   1BSX
#
_cell.length_a   95.200
_cell.length_b   95.200
_cell.length_c   137.600
_cell.angle_alpha   90.00
_cell.angle_beta   90.00
_cell.angle_gamma   120.00
#
_symmetry.space_group_name_H-M   'P 31 2 1'
#
loop_
_entity.id
_entity.type
_entity.pdbx_description
1 polymer 'PROTEIN (THYROID HORMONE RECEPTOR BETA)'
2 polymer 'PROTEIN (GRIP1)'
3 non-polymer "3,5,3'TRIIODOTHYRONINE"
#
loop_
_entity_poly.entity_id
_entity_poly.type
_entity_poly.pdbx_seq_one_letter_code
_entity_poly.pdbx_strand_id
1 'polypeptide(L)'
;EELQKSIGHKPEPTDEEWELIKTVTEAHVATNAQGSHWKQKRKFLPEDIGQAPIVNAPEGGKVDLEAFSHFTKIITPAIT
RVVDFAKKLPMFCELPCEDQIILLKGCCMEIMSLRAAVRYDPESETLTLNGEMAVTRGQLKNGGLGVVSDAIFDLGMSLS
SFNLDDTEVALLQAVLLMSSDRPGLACVERIEKYQDSFLLAFEHYINYRKHHVTHFWPKLLMKVTDLRMIGACHASRFLH
MKVECPTELFPPLFLEVFED
;
A,B
2 'polypeptide(L)' GHKILHRLLQDSS X,Y
#
# COMPACT_ATOMS: atom_id res chain seq x y z
N LYS A 10 25.72 44.91 36.26
CA LYS A 10 24.88 45.95 35.53
C LYS A 10 23.46 46.03 36.18
N PRO A 11 22.51 46.80 35.60
CA PRO A 11 21.15 46.90 36.19
C PRO A 11 20.48 45.54 36.41
N GLU A 12 19.64 45.47 37.45
CA GLU A 12 18.90 44.25 37.83
C GLU A 12 17.38 44.52 37.93
N PRO A 13 16.58 43.53 38.39
CA PRO A 13 15.12 43.59 38.53
C PRO A 13 14.52 44.46 39.62
N THR A 14 13.21 44.67 39.53
CA THR A 14 12.47 45.48 40.48
C THR A 14 11.53 44.57 41.24
N ASP A 15 11.24 44.89 42.51
CA ASP A 15 10.34 44.06 43.31
C ASP A 15 9.13 43.60 42.49
N GLU A 16 8.71 44.43 41.54
CA GLU A 16 7.58 44.11 40.69
C GLU A 16 7.98 43.12 39.58
N GLU A 17 9.08 43.42 38.87
CA GLU A 17 9.52 42.52 37.79
C GLU A 17 9.87 41.15 38.36
N TRP A 18 10.48 41.13 39.54
CA TRP A 18 10.82 39.86 40.16
C TRP A 18 9.58 39.03 40.26
N GLU A 19 8.53 39.67 40.75
CA GLU A 19 7.25 39.01 40.93
C GLU A 19 6.77 38.47 39.58
N LEU A 20 7.05 39.24 38.52
CA LEU A 20 6.67 38.80 37.19
C LEU A 20 7.39 37.51 36.92
N ILE A 21 8.70 37.52 37.09
CA ILE A 21 9.49 36.32 36.88
C ILE A 21 8.87 35.14 37.62
N LYS A 22 8.84 35.23 38.95
CA LYS A 22 8.27 34.18 39.79
C LYS A 22 7.04 33.55 39.14
N THR A 23 6.30 34.35 38.39
CA THR A 23 5.10 33.85 37.72
C THR A 23 5.50 32.96 36.54
N VAL A 24 5.97 33.59 35.46
CA VAL A 24 6.41 32.90 34.27
C VAL A 24 7.02 31.55 34.64
N THR A 25 7.93 31.59 35.60
CA THR A 25 8.59 30.36 36.06
C THR A 25 7.60 29.34 36.57
N GLU A 26 6.83 29.70 37.60
CA GLU A 26 5.84 28.78 38.15
C GLU A 26 5.12 28.11 36.98
N ALA A 27 4.95 28.87 35.90
CA ALA A 27 4.29 28.37 34.71
C ALA A 27 5.16 27.34 34.01
N HIS A 28 6.20 27.81 33.32
CA HIS A 28 7.07 26.89 32.61
C HIS A 28 7.45 25.63 33.38
N VAL A 29 7.55 25.74 34.70
CA VAL A 29 7.94 24.59 35.48
C VAL A 29 6.83 23.56 35.67
N ALA A 30 5.61 24.04 35.86
CA ALA A 30 4.49 23.14 36.05
C ALA A 30 4.01 22.64 34.69
N THR A 31 4.59 23.15 33.62
CA THR A 31 4.19 22.75 32.28
C THR A 31 5.36 22.20 31.48
N ASN A 32 6.43 21.82 32.16
CA ASN A 32 7.59 21.25 31.47
C ASN A 32 7.66 19.82 31.94
N ALA A 33 7.57 18.88 30.99
CA ALA A 33 7.55 17.47 31.29
C ALA A 33 8.69 16.91 32.12
N GLN A 34 8.31 16.11 33.10
CA GLN A 34 9.26 15.46 33.99
C GLN A 34 10.22 16.37 34.75
N GLY A 35 10.03 17.68 34.65
CA GLY A 35 10.91 18.61 35.35
C GLY A 35 12.39 18.31 35.21
N SER A 36 13.14 18.52 36.29
CA SER A 36 14.57 18.23 36.27
C SER A 36 14.78 16.90 36.94
N HIS A 37 14.09 15.91 36.40
CA HIS A 37 14.12 14.53 36.86
C HIS A 37 13.88 13.77 35.56
N TRP A 38 14.26 14.42 34.46
CA TRP A 38 14.08 13.87 33.14
C TRP A 38 15.02 12.77 32.72
N LYS A 39 16.32 13.05 32.72
CA LYS A 39 17.30 12.05 32.31
C LYS A 39 16.99 10.63 32.80
N GLN A 40 16.07 10.50 33.77
CA GLN A 40 15.71 9.18 34.31
C GLN A 40 14.41 8.56 33.78
N LYS A 41 13.86 9.17 32.74
CA LYS A 41 12.63 8.69 32.12
C LYS A 41 12.97 8.60 30.63
N ARG A 42 14.14 9.15 30.31
CA ARG A 42 14.67 9.19 28.96
C ARG A 42 14.75 7.76 28.44
N LYS A 43 13.94 7.44 27.42
CA LYS A 43 13.92 6.10 26.82
C LYS A 43 14.28 6.22 25.35
N PHE A 44 15.54 5.95 25.02
CA PHE A 44 16.05 6.05 23.65
C PHE A 44 15.29 5.27 22.59
N LEU A 45 14.92 5.96 21.51
CA LEU A 45 14.18 5.35 20.41
C LEU A 45 15.06 4.30 19.77
N PRO A 46 14.46 3.18 19.38
CA PRO A 46 15.22 2.10 18.74
C PRO A 46 16.05 2.60 17.54
N GLU A 47 17.21 2.01 17.40
CA GLU A 47 18.15 2.37 16.33
C GLU A 47 17.53 2.22 14.95
N ASP A 48 16.66 1.24 14.80
CA ASP A 48 16.02 0.95 13.52
C ASP A 48 14.95 1.89 12.98
N ILE A 49 14.37 2.74 13.81
CA ILE A 49 13.32 3.62 13.31
C ILE A 49 13.90 4.89 12.67
N GLY A 50 14.00 4.86 11.33
CA GLY A 50 14.54 5.96 10.54
C GLY A 50 15.94 5.59 10.06
N GLN A 51 16.08 5.03 8.85
CA GLN A 51 17.40 4.62 8.42
C GLN A 51 17.90 5.00 7.00
N ALA A 52 18.13 3.97 6.18
CA ALA A 52 18.71 4.11 4.83
C ALA A 52 17.87 4.26 3.56
N PRO A 53 17.41 5.50 3.24
CA PRO A 53 16.61 5.66 2.01
C PRO A 53 17.58 5.77 0.79
N LYS A 62 13.17 12.13 1.39
CA LYS A 62 11.85 11.44 1.58
C LYS A 62 11.44 11.49 3.05
N VAL A 63 10.46 10.65 3.44
CA VAL A 63 10.05 10.62 4.85
C VAL A 63 10.43 9.28 5.50
N ASP A 64 9.64 8.82 6.46
CA ASP A 64 9.86 7.54 7.13
C ASP A 64 8.71 7.45 8.10
N LEU A 65 7.56 7.10 7.56
CA LEU A 65 6.35 6.97 8.37
C LEU A 65 6.42 6.27 9.74
N GLU A 66 7.21 5.20 9.88
CA GLU A 66 7.26 4.56 11.20
C GLU A 66 7.70 5.57 12.26
N ALA A 67 8.56 6.50 11.84
CA ALA A 67 9.06 7.56 12.74
C ALA A 67 8.00 8.64 12.85
N PHE A 68 7.66 9.25 11.72
CA PHE A 68 6.64 10.31 11.69
C PHE A 68 5.54 9.96 12.67
N SER A 69 5.21 8.68 12.75
CA SER A 69 4.18 8.24 13.67
C SER A 69 4.68 8.36 15.09
N HIS A 70 5.67 7.55 15.46
CA HIS A 70 6.19 7.58 16.82
C HIS A 70 6.32 9.00 17.34
N PHE A 71 6.43 9.96 16.43
CA PHE A 71 6.53 11.35 16.81
C PHE A 71 5.14 11.97 17.08
N THR A 72 4.23 11.93 16.11
CA THR A 72 2.89 12.50 16.31
C THR A 72 2.08 11.71 17.35
N LYS A 73 2.58 10.56 17.76
CA LYS A 73 1.88 9.76 18.74
C LYS A 73 1.96 10.44 20.10
N ILE A 74 2.88 11.40 20.23
CA ILE A 74 3.06 12.13 21.48
C ILE A 74 2.93 13.65 21.33
N ILE A 75 3.00 14.12 20.09
CA ILE A 75 2.92 15.55 19.79
C ILE A 75 1.65 16.21 20.33
N THR A 76 0.65 15.41 20.67
CA THR A 76 -0.58 15.99 21.16
C THR A 76 -0.45 16.59 22.56
N PRO A 77 -0.10 15.75 23.56
CA PRO A 77 0.03 16.20 24.95
C PRO A 77 1.16 17.20 25.10
N ALA A 78 1.89 17.39 24.02
CA ALA A 78 2.98 18.33 24.05
C ALA A 78 2.41 19.71 23.85
N ILE A 79 1.56 19.84 22.84
CA ILE A 79 0.96 21.12 22.55
C ILE A 79 0.11 21.57 23.73
N THR A 80 -0.66 20.65 24.28
CA THR A 80 -1.51 20.98 25.42
C THR A 80 -0.68 21.69 26.50
N ARG A 81 0.51 21.16 26.78
CA ARG A 81 1.39 21.74 27.78
C ARG A 81 1.64 23.20 27.41
N VAL A 82 2.05 23.40 26.17
CA VAL A 82 2.31 24.73 25.67
C VAL A 82 1.06 25.57 25.95
N VAL A 83 -0.10 25.01 25.68
CA VAL A 83 -1.33 25.75 25.95
C VAL A 83 -1.40 26.01 27.47
N ASP A 84 -1.25 24.97 28.27
CA ASP A 84 -1.30 25.13 29.72
C ASP A 84 -0.30 26.16 30.22
N PHE A 85 0.83 26.29 29.54
CA PHE A 85 1.82 27.28 29.95
C PHE A 85 1.31 28.70 29.77
N ALA A 86 0.82 29.00 28.57
CA ALA A 86 0.31 30.34 28.32
C ALA A 86 -0.89 30.63 29.21
N LYS A 87 -1.65 29.60 29.57
CA LYS A 87 -2.81 29.83 30.42
C LYS A 87 -2.43 30.34 31.79
N LYS A 88 -1.25 29.98 32.27
CA LYS A 88 -0.82 30.45 33.59
C LYS A 88 -0.24 31.85 33.56
N LEU A 89 -0.14 32.42 32.37
CA LEU A 89 0.35 33.78 32.22
C LEU A 89 -0.84 34.75 32.21
N PRO A 90 -0.93 35.62 33.21
CA PRO A 90 -2.03 36.57 33.28
C PRO A 90 -2.12 37.44 32.01
N MET A 91 -1.03 38.11 31.65
CA MET A 91 -1.02 38.96 30.47
C MET A 91 -1.61 38.27 29.25
N PHE A 92 -1.68 36.95 29.32
CA PHE A 92 -2.22 36.18 28.22
C PHE A 92 -3.75 36.17 28.31
N CYS A 93 -4.27 35.81 29.47
CA CYS A 93 -5.71 35.76 29.66
C CYS A 93 -6.41 37.12 29.51
N GLU A 94 -5.62 38.20 29.48
CA GLU A 94 -6.14 39.56 29.30
C GLU A 94 -6.23 39.89 27.81
N LEU A 95 -6.30 38.85 27.00
CA LEU A 95 -6.38 38.98 25.55
C LEU A 95 -7.66 38.28 25.09
N PRO A 96 -8.10 38.58 23.87
CA PRO A 96 -9.30 37.97 23.28
C PRO A 96 -9.07 36.48 22.94
N CYS A 97 -10.13 35.67 22.99
CA CYS A 97 -9.97 34.24 22.71
C CYS A 97 -9.55 34.03 21.26
N GLU A 98 -9.74 35.05 20.42
CA GLU A 98 -9.33 34.93 19.03
C GLU A 98 -7.82 35.11 18.93
N ASP A 99 -7.24 36.03 19.70
CA ASP A 99 -5.81 36.23 19.66
C ASP A 99 -5.07 35.16 20.43
N GLN A 100 -5.59 34.82 21.61
CA GLN A 100 -4.95 33.79 22.42
C GLN A 100 -4.63 32.60 21.52
N ILE A 101 -5.43 32.40 20.49
CA ILE A 101 -5.20 31.29 19.58
C ILE A 101 -4.05 31.64 18.64
N ILE A 102 -4.24 32.73 17.88
CA ILE A 102 -3.24 33.19 16.93
C ILE A 102 -1.85 32.99 17.52
N LEU A 103 -1.70 33.39 18.78
CA LEU A 103 -0.44 33.25 19.48
C LEU A 103 -0.06 31.79 19.59
N LEU A 104 -0.92 30.99 20.21
CA LEU A 104 -0.62 29.59 20.35
C LEU A 104 -0.15 29.01 19.01
N LYS A 105 -0.96 29.18 17.98
CA LYS A 105 -0.63 28.66 16.65
C LYS A 105 0.74 29.05 16.12
N GLY A 106 1.12 30.31 16.33
CA GLY A 106 2.40 30.78 15.84
C GLY A 106 3.60 30.36 16.66
N CYS A 107 3.48 30.47 17.98
CA CYS A 107 4.59 30.13 18.87
C CYS A 107 4.59 28.69 19.34
N CYS A 108 3.57 27.90 19.01
CA CYS A 108 3.58 26.54 19.52
C CYS A 108 4.81 25.75 19.19
N MET A 109 5.16 25.69 17.91
CA MET A 109 6.35 24.95 17.53
C MET A 109 7.55 25.61 18.18
N GLU A 110 7.64 26.93 18.04
CA GLU A 110 8.74 27.69 18.60
C GLU A 110 9.00 27.33 20.05
N ILE A 111 7.96 27.33 20.88
CA ILE A 111 8.15 26.98 22.30
C ILE A 111 8.50 25.51 22.49
N MET A 112 7.90 24.63 21.69
CA MET A 112 8.20 23.20 21.82
C MET A 112 9.65 22.90 21.51
N SER A 113 10.08 23.16 20.28
CA SER A 113 11.47 22.91 19.89
C SER A 113 12.48 23.56 20.84
N LEU A 114 12.16 24.74 21.38
CA LEU A 114 13.09 25.36 22.34
C LEU A 114 13.26 24.36 23.46
N ARG A 115 12.13 24.02 24.07
CA ARG A 115 12.07 23.08 25.17
C ARG A 115 12.83 21.80 24.95
N ALA A 116 13.02 21.43 23.69
CA ALA A 116 13.74 20.21 23.38
C ALA A 116 15.23 20.48 23.30
N ALA A 117 15.60 21.52 22.57
CA ALA A 117 17.01 21.87 22.44
C ALA A 117 17.66 21.99 23.81
N VAL A 118 16.99 22.69 24.72
CA VAL A 118 17.52 22.89 26.07
C VAL A 118 17.74 21.56 26.75
N ARG A 119 17.37 20.49 26.06
CA ARG A 119 17.53 19.16 26.58
C ARG A 119 18.38 18.26 25.70
N TYR A 120 19.38 18.84 25.07
CA TYR A 120 20.28 18.10 24.21
C TYR A 120 21.51 17.66 24.99
N ASP A 121 21.69 16.34 25.09
CA ASP A 121 22.84 15.77 25.78
C ASP A 121 23.96 15.68 24.74
N PRO A 122 25.01 16.52 24.87
CA PRO A 122 26.04 16.38 23.85
C PRO A 122 26.78 15.01 23.86
N GLU A 123 26.93 14.38 25.02
CA GLU A 123 27.61 13.09 25.04
C GLU A 123 26.83 12.16 24.10
N SER A 124 25.65 11.71 24.52
CA SER A 124 24.85 10.80 23.69
C SER A 124 24.44 11.41 22.34
N GLU A 125 24.46 12.74 22.25
CA GLU A 125 24.08 13.43 21.01
C GLU A 125 22.65 13.09 20.67
N THR A 126 21.72 13.38 21.58
CA THR A 126 20.31 13.08 21.36
C THR A 126 19.41 14.04 22.12
N LEU A 127 18.33 14.48 21.48
CA LEU A 127 17.40 15.37 22.16
C LEU A 127 16.48 14.47 22.97
N THR A 128 15.60 15.07 23.76
CA THR A 128 14.68 14.30 24.58
C THR A 128 13.29 14.89 24.49
N LEU A 129 12.53 14.42 23.53
CA LEU A 129 11.18 14.92 23.34
C LEU A 129 10.23 14.50 24.46
N ASN A 130 9.34 15.41 24.82
CA ASN A 130 8.35 15.16 25.83
C ASN A 130 8.92 14.60 27.13
N GLY A 131 10.24 14.67 27.26
CA GLY A 131 10.88 14.17 28.47
C GLY A 131 10.85 12.65 28.59
N GLU A 132 10.37 11.97 27.56
CA GLU A 132 10.30 10.51 27.59
C GLU A 132 11.16 9.90 26.49
N MET A 133 10.99 10.39 25.27
CA MET A 133 11.73 9.88 24.11
C MET A 133 13.00 10.62 23.71
N ALA A 134 14.10 9.87 23.60
CA ALA A 134 15.38 10.44 23.21
C ALA A 134 15.66 10.14 21.74
N VAL A 135 15.64 11.17 20.91
CA VAL A 135 15.86 11.00 19.47
C VAL A 135 17.21 11.53 18.99
N THR A 136 17.57 11.14 17.76
CA THR A 136 18.85 11.57 17.17
C THR A 136 18.64 12.50 15.99
N ARG A 137 19.64 13.35 15.77
CA ARG A 137 19.62 14.30 14.67
C ARG A 137 18.94 13.62 13.49
N GLY A 138 19.51 12.51 13.06
CA GLY A 138 18.95 11.78 11.93
C GLY A 138 17.47 11.55 12.13
N GLN A 139 17.14 10.64 13.06
CA GLN A 139 15.75 10.30 13.37
C GLN A 139 14.80 11.47 13.19
N LEU A 140 15.08 12.55 13.92
CA LEU A 140 14.23 13.72 13.86
C LEU A 140 14.14 14.27 12.45
N LYS A 141 15.24 14.22 11.72
CA LYS A 141 15.29 14.73 10.36
C LYS A 141 14.43 13.92 9.40
N ASN A 142 14.79 12.66 9.25
CA ASN A 142 14.07 11.74 8.38
C ASN A 142 12.62 11.69 8.81
N GLY A 143 12.40 11.84 10.12
CA GLY A 143 11.05 11.81 10.68
C GLY A 143 10.03 12.78 10.12
N GLY A 144 10.50 13.85 9.47
CA GLY A 144 9.58 14.79 8.92
C GLY A 144 10.05 16.22 9.00
N LEU A 145 10.82 16.54 10.03
CA LEU A 145 11.29 17.90 10.20
C LEU A 145 12.30 18.31 9.15
N GLY A 146 12.99 17.31 8.59
CA GLY A 146 13.98 17.59 7.58
C GLY A 146 15.11 18.50 8.08
N VAL A 147 15.45 19.48 7.26
CA VAL A 147 16.51 20.41 7.61
C VAL A 147 16.32 20.98 9.02
N VAL A 148 15.08 21.05 9.48
CA VAL A 148 14.81 21.59 10.81
C VAL A 148 15.52 20.83 11.93
N SER A 149 15.73 19.54 11.74
CA SER A 149 16.41 18.78 12.78
C SER A 149 17.74 19.44 13.03
N ASP A 150 18.60 19.46 12.02
CA ASP A 150 19.91 20.07 12.17
C ASP A 150 19.72 21.38 12.91
N ALA A 151 18.76 22.16 12.44
CA ALA A 151 18.50 23.45 13.04
C ALA A 151 18.14 23.36 14.52
N ILE A 152 17.32 22.38 14.88
CA ILE A 152 16.93 22.24 16.27
C ILE A 152 18.08 21.67 17.08
N PHE A 153 18.86 20.78 16.49
CA PHE A 153 19.99 20.23 17.21
C PHE A 153 21.10 21.28 17.32
N ASP A 154 21.46 21.88 16.18
CA ASP A 154 22.47 22.94 16.14
C ASP A 154 22.17 23.95 17.25
N LEU A 155 20.89 24.09 17.55
CA LEU A 155 20.48 25.00 18.60
C LEU A 155 20.94 24.39 19.90
N GLY A 156 20.38 23.22 20.21
CA GLY A 156 20.73 22.53 21.43
C GLY A 156 22.20 22.66 21.76
N MET A 157 23.05 22.16 20.86
CA MET A 157 24.49 22.22 21.05
C MET A 157 24.88 23.62 21.52
N SER A 158 24.54 24.61 20.71
CA SER A 158 24.85 26.00 21.02
C SER A 158 24.47 26.38 22.45
N LEU A 159 23.21 26.16 22.81
CA LEU A 159 22.70 26.51 24.13
C LEU A 159 23.43 25.84 25.31
N SER A 160 24.03 24.68 25.07
CA SER A 160 24.75 23.98 26.14
C SER A 160 25.68 24.93 26.89
N SER A 161 26.08 25.99 26.20
CA SER A 161 26.99 26.99 26.75
C SER A 161 26.28 27.97 27.66
N PHE A 162 25.05 28.33 27.32
CA PHE A 162 24.30 29.30 28.11
C PHE A 162 23.82 28.85 29.48
N ASN A 163 23.63 27.55 29.65
CA ASN A 163 23.17 27.02 30.94
C ASN A 163 21.95 27.75 31.43
N LEU A 164 20.94 27.85 30.57
CA LEU A 164 19.71 28.53 30.95
C LEU A 164 18.97 27.77 32.03
N ASP A 165 18.45 28.52 33.00
CA ASP A 165 17.69 27.93 34.07
C ASP A 165 16.23 28.14 33.74
N ASP A 166 15.38 27.31 34.32
CA ASP A 166 13.93 27.37 34.11
C ASP A 166 13.51 28.79 33.77
N THR A 167 13.70 29.69 34.73
CA THR A 167 13.34 31.10 34.57
C THR A 167 13.66 31.58 33.15
N GLU A 168 14.93 31.48 32.80
CA GLU A 168 15.40 31.91 31.49
C GLU A 168 14.63 31.23 30.37
N VAL A 169 14.61 29.90 30.37
CA VAL A 169 13.86 29.19 29.34
C VAL A 169 12.46 29.79 29.35
N ALA A 170 11.87 29.82 30.54
CA ALA A 170 10.53 30.35 30.72
C ALA A 170 10.39 31.69 30.02
N LEU A 171 11.13 32.68 30.50
CA LEU A 171 11.06 34.01 29.88
C LEU A 171 11.22 33.95 28.37
N LEU A 172 12.21 33.21 27.91
CA LEU A 172 12.44 33.08 26.48
C LEU A 172 11.12 32.60 25.85
N GLN A 173 10.49 31.60 26.46
CA GLN A 173 9.22 31.07 25.93
C GLN A 173 8.13 32.13 25.84
N ALA A 174 8.11 33.05 26.80
CA ALA A 174 7.09 34.10 26.79
C ALA A 174 7.39 35.05 25.65
N VAL A 175 8.63 35.53 25.60
CA VAL A 175 9.03 36.46 24.54
C VAL A 175 8.50 35.96 23.21
N LEU A 176 8.45 34.64 23.04
CA LEU A 176 7.94 34.05 21.81
C LEU A 176 6.42 34.14 21.76
N LEU A 177 5.78 33.60 22.79
CA LEU A 177 4.34 33.63 22.87
C LEU A 177 3.84 34.98 22.43
N MET A 178 4.28 36.01 23.15
CA MET A 178 3.87 37.38 22.89
C MET A 178 4.46 38.07 21.65
N SER A 179 4.38 37.42 20.50
CA SER A 179 4.88 38.02 19.26
C SER A 179 3.73 38.85 18.72
N SER A 180 3.94 40.17 18.65
CA SER A 180 2.91 41.07 18.17
C SER A 180 2.74 41.00 16.67
N ASP A 181 3.69 40.38 15.99
CA ASP A 181 3.62 40.30 14.54
C ASP A 181 2.76 39.20 13.93
N ARG A 182 2.35 38.20 14.71
CA ARG A 182 1.52 37.13 14.16
C ARG A 182 0.41 37.82 13.40
N PRO A 183 -0.03 37.22 12.29
CA PRO A 183 -1.11 37.83 11.53
C PRO A 183 -2.50 37.49 12.12
N GLY A 184 -3.46 38.39 11.88
CA GLY A 184 -4.81 38.21 12.38
C GLY A 184 -5.01 38.77 13.78
N LEU A 185 -3.90 39.11 14.43
CA LEU A 185 -3.96 39.65 15.78
C LEU A 185 -4.92 40.82 15.87
N ALA A 186 -5.49 40.98 17.04
CA ALA A 186 -6.42 42.07 17.29
C ALA A 186 -5.72 43.11 18.18
N CYS A 187 -5.61 42.79 19.46
CA CYS A 187 -4.99 43.68 20.44
C CYS A 187 -3.48 43.74 20.27
N VAL A 188 -3.02 44.23 19.13
CA VAL A 188 -1.60 44.32 18.88
C VAL A 188 -0.91 45.11 20.01
N GLU A 189 -0.91 46.44 19.88
CA GLU A 189 -0.29 47.36 20.85
C GLU A 189 -0.17 46.85 22.28
N ARG A 190 -1.26 46.31 22.81
CA ARG A 190 -1.28 45.80 24.18
C ARG A 190 -0.21 44.74 24.35
N ILE A 191 -0.23 43.77 23.44
CA ILE A 191 0.72 42.67 23.42
C ILE A 191 2.18 43.14 23.35
N GLU A 192 2.53 43.86 22.28
CA GLU A 192 3.89 44.35 22.09
C GLU A 192 4.51 44.76 23.42
N LYS A 193 3.80 45.59 24.19
CA LYS A 193 4.31 46.03 25.49
C LYS A 193 4.44 44.86 26.44
N TYR A 194 3.54 43.88 26.32
CA TYR A 194 3.62 42.70 27.16
C TYR A 194 4.99 42.11 26.87
N GLN A 195 5.26 41.91 25.59
CA GLN A 195 6.53 41.38 25.19
C GLN A 195 7.61 42.32 25.74
N ASP A 196 7.44 43.62 25.50
CA ASP A 196 8.41 44.59 25.99
C ASP A 196 8.56 44.42 27.50
N SER A 197 7.45 44.16 28.18
CA SER A 197 7.41 43.95 29.63
C SER A 197 8.24 42.73 30.05
N PHE A 198 8.24 41.68 29.24
CA PHE A 198 9.04 40.50 29.56
C PHE A 198 10.50 40.70 29.15
N LEU A 199 10.74 41.10 27.91
CA LEU A 199 12.10 41.31 27.45
C LEU A 199 12.94 42.02 28.48
N LEU A 200 12.47 43.17 28.94
CA LEU A 200 13.21 43.91 29.95
C LEU A 200 13.55 42.97 31.11
N ALA A 201 12.50 42.50 31.79
CA ALA A 201 12.67 41.60 32.92
C ALA A 201 13.69 40.50 32.63
N PHE A 202 13.55 39.88 31.46
CA PHE A 202 14.45 38.81 31.06
C PHE A 202 15.88 39.32 31.14
N GLU A 203 16.15 40.41 30.42
CA GLU A 203 17.49 40.99 30.41
C GLU A 203 17.97 41.21 31.83
N HIS A 204 17.18 41.96 32.60
CA HIS A 204 17.53 42.22 34.00
C HIS A 204 17.88 40.90 34.67
N TYR A 205 16.93 39.96 34.66
CA TYR A 205 17.18 38.65 35.27
C TYR A 205 18.53 38.14 34.78
N ILE A 206 18.87 38.46 33.53
CA ILE A 206 20.13 38.02 32.99
C ILE A 206 21.28 38.66 33.73
N ASN A 207 21.18 39.96 33.96
CA ASN A 207 22.26 40.62 34.66
C ASN A 207 22.50 40.00 36.03
N TYR A 208 21.44 39.73 36.78
CA TYR A 208 21.62 39.10 38.08
C TYR A 208 22.34 37.77 37.91
N ARG A 209 21.96 37.05 36.86
CA ARG A 209 22.56 35.76 36.55
C ARG A 209 24.06 35.91 36.26
N LYS A 210 24.38 36.99 35.55
CA LYS A 210 25.75 37.27 35.15
C LYS A 210 26.47 35.99 34.73
N HIS A 211 26.12 35.55 33.53
CA HIS A 211 26.70 34.35 32.91
C HIS A 211 28.13 34.67 32.51
N HIS A 212 28.95 33.62 32.39
CA HIS A 212 30.33 33.81 31.94
C HIS A 212 30.31 33.59 30.43
N VAL A 213 29.69 34.51 29.71
CA VAL A 213 29.64 34.40 28.26
C VAL A 213 29.65 35.79 27.64
N THR A 214 30.82 36.15 27.13
CA THR A 214 31.08 37.42 26.46
C THR A 214 29.92 37.94 25.63
N HIS A 215 29.88 39.28 25.44
CA HIS A 215 28.86 39.91 24.59
C HIS A 215 27.64 38.98 24.72
N PHE A 216 26.88 39.10 25.80
CA PHE A 216 25.78 38.16 26.01
C PHE A 216 24.40 38.39 25.39
N TRP A 217 23.44 38.80 26.23
CA TRP A 217 22.07 39.02 25.77
C TRP A 217 21.92 39.13 24.26
N PRO A 218 22.61 40.09 23.61
CA PRO A 218 22.48 40.21 22.16
C PRO A 218 22.46 38.84 21.51
N LYS A 219 23.31 37.97 22.01
CA LYS A 219 23.41 36.59 21.56
C LYS A 219 22.12 35.84 21.86
N LEU A 220 21.69 35.90 23.12
CA LEU A 220 20.47 35.24 23.57
C LEU A 220 19.32 35.69 22.67
N LEU A 221 19.31 36.97 22.32
CA LEU A 221 18.28 37.49 21.45
C LEU A 221 18.33 36.81 20.10
N MET A 222 19.54 36.54 19.62
CA MET A 222 19.67 35.89 18.34
C MET A 222 18.99 34.55 18.40
N LYS A 223 19.06 33.88 19.55
CA LYS A 223 18.42 32.60 19.68
C LYS A 223 16.90 32.70 19.43
N VAL A 224 16.29 33.80 19.88
CA VAL A 224 14.87 34.00 19.67
C VAL A 224 14.64 33.90 18.19
N THR A 225 15.47 34.57 17.41
CA THR A 225 15.36 34.50 15.96
C THR A 225 15.55 33.06 15.52
N ASP A 226 16.61 32.41 16.00
CA ASP A 226 16.85 31.02 15.62
C ASP A 226 15.57 30.23 15.81
N LEU A 227 14.88 30.46 16.92
CA LEU A 227 13.64 29.74 17.18
C LEU A 227 12.49 30.13 16.26
N ARG A 228 12.43 31.40 15.85
CA ARG A 228 11.36 31.84 14.95
C ARG A 228 11.56 31.23 13.58
N MET A 229 12.83 31.14 13.17
CA MET A 229 13.18 30.54 11.90
C MET A 229 12.71 29.10 11.93
N ILE A 230 13.05 28.40 13.00
CA ILE A 230 12.65 27.00 13.15
C ILE A 230 11.17 26.84 12.95
N GLY A 231 10.40 27.68 13.61
CA GLY A 231 8.96 27.58 13.48
C GLY A 231 8.46 27.94 12.10
N ALA A 232 8.98 29.03 11.55
CA ALA A 232 8.58 29.44 10.23
C ALA A 232 8.85 28.30 9.28
N CYS A 233 10.00 27.63 9.42
CA CYS A 233 10.26 26.52 8.53
C CYS A 233 9.38 25.35 8.80
N HIS A 234 9.16 25.03 10.06
CA HIS A 234 8.35 23.89 10.42
C HIS A 234 7.05 23.90 9.67
N ALA A 235 6.47 25.07 9.47
CA ALA A 235 5.22 25.15 8.74
C ALA A 235 5.39 24.59 7.34
N SER A 236 6.42 25.05 6.65
CA SER A 236 6.68 24.56 5.31
C SER A 236 6.69 23.03 5.36
N ARG A 237 7.56 22.47 6.19
CA ARG A 237 7.64 21.04 6.33
C ARG A 237 6.29 20.39 6.62
N PHE A 238 5.40 21.15 7.26
CA PHE A 238 4.09 20.61 7.57
C PHE A 238 3.38 20.21 6.30
N LEU A 239 3.38 21.11 5.31
CA LEU A 239 2.73 20.84 4.03
C LEU A 239 3.20 19.56 3.34
N HIS A 240 4.52 19.38 3.23
CA HIS A 240 5.03 18.16 2.60
C HIS A 240 4.52 17.00 3.43
N MET A 241 4.64 17.12 4.75
CA MET A 241 4.18 16.07 5.65
C MET A 241 2.73 15.67 5.34
N LYS A 242 1.92 16.65 4.93
CA LYS A 242 0.51 16.42 4.61
C LYS A 242 0.35 15.82 3.20
N VAL A 243 1.46 15.66 2.49
CA VAL A 243 1.42 15.09 1.14
C VAL A 243 2.08 13.72 1.12
N GLU A 244 3.19 13.62 1.85
CA GLU A 244 3.94 12.37 1.91
C GLU A 244 3.48 11.50 3.09
N CYS A 245 2.45 11.94 3.83
CA CYS A 245 1.98 11.16 5.00
C CYS A 245 0.47 10.98 5.03
N PRO A 246 -0.01 9.89 5.65
CA PRO A 246 -1.44 9.58 5.76
C PRO A 246 -2.19 10.58 6.64
N THR A 247 -3.34 11.04 6.17
CA THR A 247 -4.10 11.99 6.98
C THR A 247 -4.66 11.15 8.12
N GLU A 248 -4.30 9.88 8.13
CA GLU A 248 -4.72 8.91 9.12
C GLU A 248 -3.72 8.86 10.30
N LEU A 249 -2.71 9.72 10.22
CA LEU A 249 -1.68 9.76 11.26
C LEU A 249 -1.58 11.14 11.91
N PHE A 250 -2.38 12.08 11.42
CA PHE A 250 -2.38 13.46 11.92
C PHE A 250 -3.36 13.75 13.05
N PRO A 251 -2.93 13.64 14.31
CA PRO A 251 -3.88 13.95 15.36
C PRO A 251 -4.55 15.30 15.09
N PRO A 252 -5.77 15.49 15.59
CA PRO A 252 -6.44 16.77 15.35
C PRO A 252 -5.69 18.01 15.76
N LEU A 253 -5.49 18.19 17.06
CA LEU A 253 -4.78 19.35 17.59
C LEU A 253 -3.56 19.63 16.71
N PHE A 254 -2.86 18.57 16.32
CA PHE A 254 -1.69 18.76 15.46
C PHE A 254 -2.22 19.63 14.32
N LEU A 255 -3.16 19.09 13.56
CA LEU A 255 -3.76 19.81 12.44
C LEU A 255 -4.38 21.12 12.90
N GLU A 256 -5.14 21.07 13.98
CA GLU A 256 -5.79 22.26 14.47
C GLU A 256 -4.76 23.37 14.62
N VAL A 257 -3.56 23.03 15.08
CA VAL A 257 -2.55 24.07 15.28
C VAL A 257 -1.85 24.53 14.02
N PHE A 258 -1.22 23.62 13.28
CA PHE A 258 -0.50 24.03 12.08
C PHE A 258 -1.35 24.29 10.84
N GLU A 259 -2.47 23.59 10.71
CA GLU A 259 -3.36 23.77 9.57
C GLU A 259 -3.80 25.24 9.59
N ASP A 260 -3.91 25.83 8.42
CA ASP A 260 -4.29 27.23 8.24
C ASP A 260 -5.67 27.52 8.85
N HIS B 2 -10.32 27.65 15.57
CA HIS B 2 -11.18 26.73 16.46
C HIS B 2 -10.83 25.29 16.88
N LYS B 3 -11.99 24.79 17.40
CA LYS B 3 -12.33 23.44 17.92
C LYS B 3 -11.80 23.18 19.33
N ILE B 4 -10.82 22.29 19.36
CA ILE B 4 -10.18 21.82 20.59
C ILE B 4 -9.57 22.96 21.40
N LEU B 5 -8.57 23.60 20.82
CA LEU B 5 -7.87 24.72 21.47
C LEU B 5 -8.83 25.43 22.35
N HIS B 6 -9.87 25.89 21.74
CA HIS B 6 -10.88 26.51 22.50
C HIS B 6 -11.01 25.59 23.74
N ARG B 7 -11.32 24.32 23.55
CA ARG B 7 -11.53 23.41 24.71
C ARG B 7 -10.44 23.54 25.81
N LEU B 8 -9.19 23.70 25.38
CA LEU B 8 -8.04 23.76 26.31
C LEU B 8 -7.94 25.10 27.03
N LEU B 9 -8.46 26.11 26.38
CA LEU B 9 -8.43 27.47 26.91
C LEU B 9 -9.57 27.71 27.89
N GLN B 10 -10.44 26.72 28.02
CA GLN B 10 -11.66 26.91 28.82
C GLN B 10 -11.69 26.10 30.12
N ASP B 11 -11.01 24.99 30.13
CA ASP B 11 -10.96 24.11 31.29
C ASP B 11 -10.33 24.84 32.47
N SER B 12 -11.01 24.83 33.58
CA SER B 12 -10.49 25.40 34.82
C SER B 12 -9.45 24.35 35.31
N SER B 13 -9.97 23.38 36.03
CA SER B 13 -9.31 22.08 36.41
C SER B 13 -8.10 22.00 37.36
N LYS C 10 -25.07 -3.81 -11.30
CA LYS C 10 -24.86 -3.18 -12.66
C LYS C 10 -25.73 -3.91 -13.73
N PRO C 11 -25.60 -3.57 -15.03
CA PRO C 11 -26.42 -4.25 -16.08
C PRO C 11 -26.31 -5.78 -16.04
N GLU C 12 -27.39 -6.45 -16.45
CA GLU C 12 -27.48 -7.92 -16.48
C GLU C 12 -27.92 -8.43 -17.86
N PRO C 13 -28.16 -9.74 -18.03
CA PRO C 13 -28.57 -10.41 -19.27
C PRO C 13 -29.95 -10.17 -19.82
N THR C 14 -30.16 -10.58 -21.07
CA THR C 14 -31.44 -10.42 -21.75
C THR C 14 -32.02 -11.83 -21.98
N ASP C 15 -33.35 -11.93 -21.99
CA ASP C 15 -33.99 -13.24 -22.19
C ASP C 15 -33.29 -14.04 -23.31
N GLU C 16 -32.72 -13.32 -24.28
CA GLU C 16 -32.03 -13.96 -25.39
C GLU C 16 -30.62 -14.38 -24.95
N GLU C 17 -29.84 -13.47 -24.34
CA GLU C 17 -28.49 -13.80 -23.91
C GLU C 17 -28.53 -14.94 -22.88
N TRP C 18 -29.52 -14.91 -22.00
CA TRP C 18 -29.63 -15.97 -21.00
C TRP C 18 -29.68 -17.28 -21.71
N GLU C 19 -30.51 -17.33 -22.75
CA GLU C 19 -30.69 -18.54 -23.53
C GLU C 19 -29.35 -18.95 -24.12
N LEU C 20 -28.55 -17.95 -24.50
CA LEU C 20 -27.23 -18.22 -25.05
C LEU C 20 -26.45 -18.94 -23.98
N ILE C 21 -26.39 -18.34 -22.80
CA ILE C 21 -25.69 -18.96 -21.70
C ILE C 21 -26.11 -20.41 -21.53
N LYS C 22 -27.38 -20.63 -21.21
CA LYS C 22 -27.93 -21.97 -21.02
C LYS C 22 -27.33 -22.95 -22.02
N THR C 23 -27.00 -22.46 -23.21
CA THR C 23 -26.42 -23.31 -24.26
C THR C 23 -24.97 -23.65 -23.88
N VAL C 24 -24.08 -22.67 -24.05
CA VAL C 24 -22.67 -22.80 -23.75
C VAL C 24 -22.50 -23.75 -22.57
N THR C 25 -23.26 -23.49 -21.50
CA THR C 25 -23.18 -24.32 -20.30
C THR C 25 -23.51 -25.77 -20.60
N GLU C 26 -24.71 -26.03 -21.10
CA GLU C 26 -25.09 -27.41 -21.43
C GLU C 26 -23.91 -28.08 -22.12
N ALA C 27 -23.17 -27.29 -22.90
CA ALA C 27 -22.01 -27.78 -23.62
C ALA C 27 -20.89 -28.10 -22.65
N HIS C 28 -20.23 -27.08 -22.15
CA HIS C 28 -19.12 -27.30 -21.23
C HIS C 28 -19.37 -28.36 -20.18
N VAL C 29 -20.62 -28.50 -19.74
CA VAL C 29 -20.92 -29.47 -18.70
C VAL C 29 -20.96 -30.91 -19.19
N ALA C 30 -21.50 -31.11 -20.39
CA ALA C 30 -21.58 -32.45 -20.93
C ALA C 30 -20.24 -32.84 -21.55
N THR C 31 -19.30 -31.89 -21.57
CA THR C 31 -17.99 -32.14 -22.14
C THR C 31 -16.87 -31.91 -21.15
N ASN C 32 -17.19 -31.87 -19.86
CA ASN C 32 -16.18 -31.66 -18.84
C ASN C 32 -16.16 -32.96 -18.05
N ALA C 33 -14.99 -33.60 -18.04
CA ALA C 33 -14.82 -34.89 -17.38
C ALA C 33 -15.23 -35.00 -15.93
N GLN C 34 -15.96 -36.08 -15.65
CA GLN C 34 -16.41 -36.37 -14.31
C GLN C 34 -17.24 -35.29 -13.62
N GLY C 35 -17.60 -34.24 -14.34
CA GLY C 35 -18.41 -33.17 -13.75
C GLY C 35 -17.92 -32.71 -12.38
N SER C 36 -18.86 -32.39 -11.51
CA SER C 36 -18.53 -31.96 -10.16
C SER C 36 -18.69 -33.14 -9.24
N HIS C 37 -17.98 -34.21 -9.59
CA HIS C 37 -17.97 -35.47 -8.87
C HIS C 37 -16.56 -35.96 -9.16
N TRP C 38 -15.68 -35.00 -9.40
CA TRP C 38 -14.31 -35.29 -9.74
C TRP C 38 -13.40 -35.70 -8.60
N LYS C 39 -13.26 -34.85 -7.59
CA LYS C 39 -12.41 -35.16 -6.46
C LYS C 39 -12.47 -36.63 -6.00
N GLN C 40 -13.48 -37.37 -6.46
CA GLN C 40 -13.63 -38.78 -6.09
C GLN C 40 -13.17 -39.82 -7.12
N LYS C 41 -12.48 -39.34 -8.14
CA LYS C 41 -11.96 -40.20 -9.20
C LYS C 41 -10.48 -39.81 -9.31
N ARG C 42 -10.16 -38.73 -8.62
CA ARG C 42 -8.82 -38.16 -8.57
C ARG C 42 -7.86 -39.26 -8.07
N LYS C 43 -6.95 -39.69 -8.94
CA LYS C 43 -5.97 -40.73 -8.60
C LYS C 43 -4.57 -40.16 -8.76
N PHE C 44 -3.97 -39.73 -7.66
CA PHE C 44 -2.64 -39.11 -7.67
C PHE C 44 -1.53 -39.93 -8.32
N LEU C 45 -0.81 -39.28 -9.23
CA LEU C 45 0.28 -39.93 -9.95
C LEU C 45 1.38 -40.29 -8.95
N PRO C 46 2.00 -41.45 -9.13
CA PRO C 46 3.06 -41.87 -8.23
C PRO C 46 4.16 -40.82 -8.06
N GLU C 47 4.68 -40.75 -6.85
CA GLU C 47 5.71 -39.78 -6.51
C GLU C 47 6.94 -39.91 -7.38
N ASP C 48 7.25 -41.14 -7.80
CA ASP C 48 8.43 -41.42 -8.61
C ASP C 48 8.45 -41.01 -10.07
N ILE C 49 7.30 -40.72 -10.67
CA ILE C 49 7.33 -40.36 -12.08
C ILE C 49 7.62 -38.87 -12.28
N GLY C 50 8.89 -38.57 -12.57
CA GLY C 50 9.37 -37.21 -12.79
C GLY C 50 10.18 -36.77 -11.57
N GLN C 51 11.50 -36.93 -11.58
CA GLN C 51 12.26 -36.57 -10.40
C GLN C 51 13.55 -35.73 -10.54
N ALA C 52 14.69 -36.32 -10.17
CA ALA C 52 15.99 -35.65 -10.10
C ALA C 52 17.00 -35.66 -11.28
N PRO C 53 16.83 -34.75 -12.27
CA PRO C 53 17.78 -34.73 -13.39
C PRO C 53 19.05 -33.94 -12.95
N LYS C 62 15.72 -30.68 -19.17
CA LYS C 62 15.54 -31.93 -19.97
C LYS C 62 14.09 -32.39 -19.92
N VAL C 63 13.82 -33.63 -20.31
CA VAL C 63 12.44 -34.16 -20.25
C VAL C 63 12.33 -35.25 -19.17
N ASP C 64 11.45 -36.22 -19.40
CA ASP C 64 11.27 -37.35 -18.49
C ASP C 64 10.19 -38.17 -19.15
N LEU C 65 10.61 -38.90 -20.17
CA LEU C 65 9.70 -39.74 -20.94
C LEU C 65 8.64 -40.60 -20.18
N GLU C 66 8.99 -41.17 -19.03
CA GLU C 66 7.97 -41.97 -18.33
C GLU C 66 6.74 -41.11 -18.05
N ALA C 67 6.97 -39.83 -17.80
CA ALA C 67 5.88 -38.87 -17.54
C ALA C 67 5.26 -38.47 -18.87
N PHE C 68 6.06 -37.86 -19.74
CA PHE C 68 5.59 -37.43 -21.05
C PHE C 68 4.59 -38.45 -21.58
N SER C 69 4.88 -39.72 -21.32
CA SER C 69 3.98 -40.77 -21.76
C SER C 69 2.69 -40.73 -20.96
N HIS C 70 2.78 -41.04 -19.67
CA HIS C 70 1.60 -41.04 -18.83
C HIS C 70 0.68 -39.87 -19.13
N PHE C 71 1.24 -38.81 -19.71
CA PHE C 71 0.46 -37.64 -20.06
C PHE C 71 -0.22 -37.82 -21.44
N THR C 72 0.54 -38.08 -22.50
CA THR C 72 -0.06 -38.27 -23.83
C THR C 72 -0.91 -39.54 -23.91
N LYS C 73 -0.85 -40.37 -22.88
CA LYS C 73 -1.63 -41.59 -22.88
C LYS C 73 -3.10 -41.25 -22.68
N ILE C 74 -3.36 -40.02 -22.25
CA ILE C 74 -4.74 -39.58 -22.01
C ILE C 74 -5.09 -38.29 -22.78
N ILE C 75 -4.08 -37.60 -23.28
CA ILE C 75 -4.26 -36.36 -24.01
C ILE C 75 -5.20 -36.50 -25.21
N THR C 76 -5.43 -37.73 -25.66
CA THR C 76 -6.27 -37.91 -26.82
C THR C 76 -7.75 -37.62 -26.53
N PRO C 77 -8.36 -38.38 -25.60
CA PRO C 77 -9.77 -38.22 -25.25
C PRO C 77 -10.03 -36.86 -24.64
N ALA C 78 -8.97 -36.13 -24.41
CA ALA C 78 -9.11 -34.82 -23.83
C ALA C 78 -9.46 -33.86 -24.94
N ILE C 79 -8.69 -33.94 -26.03
CA ILE C 79 -8.93 -33.06 -27.15
C ILE C 79 -10.32 -33.32 -27.71
N THR C 80 -10.68 -34.60 -27.86
CA THR C 80 -11.99 -34.94 -28.39
C THR C 80 -13.07 -34.16 -27.64
N ARG C 81 -12.97 -34.11 -26.31
CA ARG C 81 -13.95 -33.40 -25.49
C ARG C 81 -14.02 -31.96 -25.96
N VAL C 82 -12.85 -31.33 -26.06
CA VAL C 82 -12.77 -29.97 -26.53
C VAL C 82 -13.50 -29.89 -27.85
N VAL C 83 -13.27 -30.87 -28.72
CA VAL C 83 -13.96 -30.87 -30.00
C VAL C 83 -15.47 -30.99 -29.73
N ASP C 84 -15.86 -31.98 -28.93
CA ASP C 84 -17.27 -32.16 -28.61
C ASP C 84 -17.90 -30.92 -28.03
N PHE C 85 -17.12 -30.12 -27.30
CA PHE C 85 -17.65 -28.89 -26.71
C PHE C 85 -18.01 -27.88 -27.79
N ALA C 86 -17.08 -27.60 -28.68
CA ALA C 86 -17.35 -26.64 -29.74
C ALA C 86 -18.47 -27.15 -30.64
N LYS C 87 -18.62 -28.46 -30.77
CA LYS C 87 -19.67 -28.99 -31.62
C LYS C 87 -21.06 -28.66 -31.10
N LYS C 88 -21.19 -28.50 -29.78
CA LYS C 88 -22.49 -28.18 -29.21
C LYS C 88 -22.80 -26.70 -29.29
N LEU C 89 -21.86 -25.91 -29.79
CA LEU C 89 -22.07 -24.47 -29.95
C LEU C 89 -22.57 -24.21 -31.38
N PRO C 90 -23.80 -23.71 -31.51
CA PRO C 90 -24.36 -23.43 -32.83
C PRO C 90 -23.45 -22.46 -33.64
N MET C 91 -23.15 -21.30 -33.06
CA MET C 91 -22.32 -20.31 -33.75
C MET C 91 -21.05 -20.93 -34.34
N PHE C 92 -20.72 -22.12 -33.84
CA PHE C 92 -19.54 -22.81 -34.33
C PHE C 92 -19.88 -23.55 -35.61
N CYS C 93 -20.94 -24.34 -35.58
CA CYS C 93 -21.33 -25.10 -36.75
C CYS C 93 -21.75 -24.24 -37.95
N GLU C 94 -21.93 -22.94 -37.71
CA GLU C 94 -22.28 -21.98 -38.77
C GLU C 94 -21.00 -21.42 -39.42
N LEU C 95 -19.93 -22.18 -39.30
CA LEU C 95 -18.64 -21.82 -39.84
C LEU C 95 -18.20 -22.92 -40.80
N PRO C 96 -17.23 -22.62 -41.66
CA PRO C 96 -16.68 -23.58 -42.63
C PRO C 96 -15.86 -24.69 -41.93
N CYS C 97 -15.83 -25.90 -42.51
CA CYS C 97 -15.09 -26.98 -41.88
C CYS C 97 -13.60 -26.67 -41.84
N GLU C 98 -13.17 -25.72 -42.67
CA GLU C 98 -11.77 -25.34 -42.68
C GLU C 98 -11.47 -24.46 -41.47
N ASP C 99 -12.38 -23.55 -41.12
CA ASP C 99 -12.17 -22.69 -39.97
C ASP C 99 -12.43 -23.43 -38.68
N GLN C 100 -13.51 -24.19 -38.63
CA GLN C 100 -13.83 -24.96 -37.43
C GLN C 100 -12.56 -25.64 -36.93
N ILE C 101 -11.66 -25.97 -37.86
CA ILE C 101 -10.43 -26.62 -37.47
C ILE C 101 -9.47 -25.60 -36.90
N ILE C 102 -9.13 -24.60 -37.72
CA ILE C 102 -8.22 -23.53 -37.32
C ILE C 102 -8.47 -23.17 -35.86
N LEU C 103 -9.74 -23.01 -35.53
CA LEU C 103 -10.15 -22.69 -34.18
C LEU C 103 -9.73 -23.79 -33.21
N LEU C 104 -10.19 -25.00 -33.46
CA LEU C 104 -9.83 -26.10 -32.58
C LEU C 104 -8.32 -26.10 -32.34
N LYS C 105 -7.55 -26.10 -33.42
CA LYS C 105 -6.09 -26.13 -33.31
C LYS C 105 -5.48 -25.04 -32.44
N GLY C 106 -6.02 -23.83 -32.56
CA GLY C 106 -5.49 -22.72 -31.78
C GLY C 106 -5.92 -22.68 -30.33
N CYS C 107 -7.21 -22.92 -30.09
CA CYS C 107 -7.74 -22.87 -28.74
C CYS C 107 -7.74 -24.20 -28.01
N CYS C 108 -7.33 -25.29 -28.67
CA CYS C 108 -7.38 -26.56 -27.97
C CYS C 108 -6.61 -26.59 -26.67
N MET C 109 -5.34 -26.21 -26.73
CA MET C 109 -4.54 -26.21 -25.51
C MET C 109 -5.16 -25.21 -24.54
N GLU C 110 -5.44 -24.01 -25.04
CA GLU C 110 -6.01 -22.94 -24.24
C GLU C 110 -7.21 -23.44 -23.43
N ILE C 111 -8.16 -24.10 -24.09
CA ILE C 111 -9.33 -24.60 -23.37
C ILE C 111 -9.00 -25.74 -22.42
N MET C 112 -8.07 -26.61 -22.81
CA MET C 112 -7.69 -27.72 -21.94
C MET C 112 -7.06 -27.23 -20.65
N SER C 113 -5.92 -26.55 -20.75
CA SER C 113 -5.23 -26.04 -19.56
C SER C 113 -6.16 -25.20 -18.67
N LEU C 114 -7.09 -24.45 -19.25
CA LEU C 114 -8.03 -23.67 -18.42
C LEU C 114 -8.73 -24.69 -17.54
N ARG C 115 -9.39 -25.63 -18.20
CA ARG C 115 -10.13 -26.69 -17.54
C ARG C 115 -9.39 -27.39 -16.44
N ALA C 116 -8.06 -27.35 -16.49
CA ALA C 116 -7.27 -28.00 -15.47
C ALA C 116 -7.03 -27.04 -14.31
N ALA C 117 -6.61 -25.82 -14.63
CA ALA C 117 -6.36 -24.85 -13.59
C ALA C 117 -7.56 -24.72 -12.67
N VAL C 118 -8.74 -24.62 -13.27
CA VAL C 118 -9.98 -24.47 -12.49
C VAL C 118 -10.15 -25.65 -11.57
N ARG C 119 -9.24 -26.60 -11.66
CA ARG C 119 -9.27 -27.78 -10.82
C ARG C 119 -8.02 -27.97 -9.97
N TYR C 120 -7.45 -26.86 -9.54
CA TYR C 120 -6.25 -26.89 -8.71
C TYR C 120 -6.64 -26.87 -7.24
N ASP C 121 -6.28 -27.92 -6.51
CA ASP C 121 -6.56 -28.02 -5.09
C ASP C 121 -5.37 -27.35 -4.39
N PRO C 122 -5.57 -26.17 -3.78
CA PRO C 122 -4.39 -25.60 -3.13
C PRO C 122 -3.85 -26.42 -1.94
N GLU C 123 -4.71 -27.13 -1.21
CA GLU C 123 -4.20 -27.93 -0.09
C GLU C 123 -3.16 -28.89 -0.67
N SER C 124 -3.61 -29.92 -1.38
CA SER C 124 -2.68 -30.90 -1.95
C SER C 124 -1.69 -30.29 -2.96
N GLU C 125 -2.03 -29.12 -3.50
CA GLU C 125 -1.16 -28.46 -4.47
C GLU C 125 -0.96 -29.37 -5.68
N THR C 126 -2.07 -29.73 -6.33
CA THR C 126 -2.01 -30.61 -7.48
C THR C 126 -3.16 -30.36 -8.43
N LEU C 127 -2.89 -30.37 -9.74
CA LEU C 127 -3.97 -30.18 -10.70
C LEU C 127 -4.60 -31.54 -10.89
N THR C 128 -5.67 -31.61 -11.68
CA THR C 128 -6.34 -32.87 -11.92
C THR C 128 -6.69 -33.00 -13.38
N LEU C 129 -5.77 -33.57 -14.14
CA LEU C 129 -5.98 -33.75 -15.56
C LEU C 129 -7.05 -34.76 -15.87
N ASN C 130 -7.82 -34.48 -16.91
CA ASN C 130 -8.86 -35.38 -17.38
C ASN C 130 -9.80 -35.85 -16.27
N GLY C 131 -9.72 -35.20 -15.12
CA GLY C 131 -10.57 -35.58 -14.01
C GLY C 131 -10.22 -36.91 -13.38
N GLU C 132 -9.12 -37.52 -13.82
CA GLU C 132 -8.69 -38.81 -13.28
C GLU C 132 -7.33 -38.70 -12.62
N MET C 133 -6.37 -38.10 -13.33
CA MET C 133 -5.01 -37.95 -12.83
C MET C 133 -4.65 -36.63 -12.13
N ALA C 134 -4.13 -36.74 -10.91
CA ALA C 134 -3.73 -35.58 -10.15
C ALA C 134 -2.22 -35.41 -10.22
N VAL C 135 -1.77 -34.34 -10.90
CA VAL C 135 -0.34 -34.10 -11.05
C VAL C 135 0.17 -32.92 -10.25
N THR C 136 1.50 -32.82 -10.13
CA THR C 136 2.14 -31.74 -9.38
C THR C 136 2.91 -30.78 -10.28
N ARG C 137 3.01 -29.54 -9.82
CA ARG C 137 3.73 -28.51 -10.55
C ARG C 137 4.94 -29.17 -11.22
N GLY C 138 5.80 -29.77 -10.39
CA GLY C 138 6.97 -30.43 -10.92
C GLY C 138 6.61 -31.36 -12.05
N GLN C 139 5.98 -32.48 -11.69
CA GLN C 139 5.56 -33.50 -12.66
C GLN C 139 5.19 -32.90 -14.02
N LEU C 140 4.23 -32.00 -14.00
CA LEU C 140 3.76 -31.37 -15.22
C LEU C 140 4.89 -30.66 -15.94
N LYS C 141 5.78 -30.04 -15.18
CA LYS C 141 6.89 -29.29 -15.74
C LYS C 141 7.89 -30.20 -16.44
N ASN C 142 8.49 -31.08 -15.66
CA ASN C 142 9.48 -32.02 -16.17
C ASN C 142 8.86 -32.84 -17.29
N GLY C 143 7.54 -33.08 -17.16
CA GLY C 143 6.81 -33.86 -18.14
C GLY C 143 6.85 -33.38 -19.58
N GLY C 144 7.19 -32.12 -19.79
CA GLY C 144 7.26 -31.63 -21.14
C GLY C 144 6.79 -30.20 -21.29
N LEU C 145 5.86 -29.78 -20.43
CA LEU C 145 5.36 -28.43 -20.54
C LEU C 145 6.38 -27.38 -20.13
N GLY C 146 7.33 -27.79 -19.31
CA GLY C 146 8.36 -26.88 -18.85
C GLY C 146 7.80 -25.68 -18.10
N VAL C 147 8.32 -24.50 -18.43
CA VAL C 147 7.87 -23.28 -17.80
C VAL C 147 6.34 -23.16 -17.77
N VAL C 148 5.67 -23.78 -18.74
CA VAL C 148 4.22 -23.73 -18.80
C VAL C 148 3.54 -24.27 -17.55
N SER C 149 4.16 -25.25 -16.90
CA SER C 149 3.54 -25.79 -15.70
C SER C 149 3.32 -24.65 -14.74
N ASP C 150 4.41 -24.02 -14.31
CA ASP C 150 4.30 -22.91 -13.37
C ASP C 150 3.16 -22.02 -13.84
N ALA C 151 3.18 -21.70 -15.13
CA ALA C 151 2.16 -20.85 -15.71
C ALA C 151 0.76 -21.41 -15.54
N ILE C 152 0.60 -22.71 -15.76
CA ILE C 152 -0.72 -23.30 -15.62
C ILE C 152 -1.12 -23.40 -14.16
N PHE C 153 -0.15 -23.69 -13.30
CA PHE C 153 -0.45 -23.77 -11.88
C PHE C 153 -0.69 -22.37 -11.31
N ASP C 154 0.24 -21.46 -11.58
CA ASP C 154 0.11 -20.06 -11.14
C ASP C 154 -1.29 -19.56 -11.48
N LEU C 155 -1.83 -20.11 -12.57
CA LEU C 155 -3.17 -19.73 -12.97
C LEU C 155 -4.11 -20.31 -11.95
N GLY C 156 -4.13 -21.64 -11.87
CA GLY C 156 -4.99 -22.31 -10.93
C GLY C 156 -5.09 -21.58 -9.61
N MET C 157 -3.95 -21.43 -8.94
CA MET C 157 -3.90 -20.73 -7.66
C MET C 157 -4.72 -19.45 -7.75
N SER C 158 -4.33 -18.59 -8.68
CA SER C 158 -5.01 -17.32 -8.88
C SER C 158 -6.53 -17.47 -8.95
N LEU C 159 -7.00 -18.32 -9.86
CA LEU C 159 -8.44 -18.53 -10.04
C LEU C 159 -9.20 -19.00 -8.79
N SER C 160 -8.52 -19.67 -7.87
CA SER C 160 -9.17 -20.15 -6.65
C SER C 160 -10.00 -19.06 -6.00
N SER C 161 -9.64 -17.81 -6.29
CA SER C 161 -10.32 -16.64 -5.75
C SER C 161 -11.59 -16.32 -6.49
N PHE C 162 -11.60 -16.52 -7.80
CA PHE C 162 -12.76 -16.20 -8.61
C PHE C 162 -13.98 -17.10 -8.44
N ASN C 163 -13.76 -18.34 -8.04
CA ASN C 163 -14.87 -19.28 -7.83
C ASN C 163 -15.77 -19.33 -9.05
N LEU C 164 -15.18 -19.53 -10.21
CA LEU C 164 -15.95 -19.60 -11.43
C LEU C 164 -16.85 -20.83 -11.45
N ASP C 165 -18.07 -20.63 -11.92
CA ASP C 165 -19.01 -21.72 -12.02
C ASP C 165 -19.00 -22.16 -13.47
N ASP C 166 -19.44 -23.40 -13.70
CA ASP C 166 -19.50 -23.96 -15.05
C ASP C 166 -19.72 -22.88 -16.08
N THR C 167 -20.86 -22.22 -16.00
CA THR C 167 -21.22 -21.15 -16.93
C THR C 167 -19.99 -20.29 -17.27
N GLU C 168 -19.41 -19.71 -16.23
CA GLU C 168 -18.25 -18.84 -16.37
C GLU C 168 -17.12 -19.57 -17.10
N VAL C 169 -16.69 -20.71 -16.58
CA VAL C 169 -15.64 -21.46 -17.24
C VAL C 169 -16.08 -21.62 -18.69
N ALA C 170 -17.30 -22.10 -18.86
CA ALA C 170 -17.86 -22.32 -20.19
C ALA C 170 -17.65 -21.09 -21.05
N LEU C 171 -18.28 -19.99 -20.68
CA LEU C 171 -18.16 -18.76 -21.46
C LEU C 171 -16.69 -18.43 -21.75
N LEU C 172 -15.86 -18.50 -20.72
CA LEU C 172 -14.45 -18.20 -20.90
C LEU C 172 -13.93 -19.11 -22.02
N GLN C 173 -14.28 -20.39 -21.99
CA GLN C 173 -13.84 -21.33 -23.02
C GLN C 173 -14.28 -20.92 -24.42
N ALA C 174 -15.47 -20.35 -24.54
CA ALA C 174 -15.97 -19.91 -25.85
C ALA C 174 -15.15 -18.72 -26.30
N VAL C 175 -15.04 -17.72 -25.44
CA VAL C 175 -14.29 -16.52 -25.78
C VAL C 175 -12.98 -16.92 -26.43
N LEU C 176 -12.41 -18.04 -25.99
CA LEU C 176 -11.15 -18.54 -26.54
C LEU C 176 -11.40 -19.17 -27.91
N LEU C 177 -12.30 -20.14 -27.94
CA LEU C 177 -12.62 -20.81 -29.18
C LEU C 177 -12.73 -19.80 -30.29
N MET C 178 -13.64 -18.85 -30.12
CA MET C 178 -13.91 -17.81 -31.10
C MET C 178 -12.87 -16.69 -31.24
N SER C 179 -11.61 -17.05 -31.38
CA SER C 179 -10.56 -16.05 -31.56
C SER C 179 -10.51 -15.75 -33.05
N SER C 180 -10.83 -14.52 -33.42
CA SER C 180 -10.84 -14.13 -34.82
C SER C 180 -9.44 -13.96 -35.39
N ASP C 181 -8.45 -13.91 -34.50
CA ASP C 181 -7.09 -13.72 -34.96
C ASP C 181 -6.31 -14.93 -35.44
N ARG C 182 -6.80 -16.15 -35.16
CA ARG C 182 -6.08 -17.33 -35.61
C ARG C 182 -5.78 -17.11 -37.07
N PRO C 183 -4.63 -17.60 -37.53
CA PRO C 183 -4.29 -17.42 -38.95
C PRO C 183 -4.97 -18.50 -39.83
N GLY C 184 -5.20 -18.13 -41.10
CA GLY C 184 -5.83 -19.04 -42.06
C GLY C 184 -7.35 -18.92 -42.04
N LEU C 185 -7.88 -18.26 -41.02
CA LEU C 185 -9.31 -18.09 -40.90
C LEU C 185 -9.93 -17.55 -42.17
N ALA C 186 -11.18 -17.93 -42.39
CA ALA C 186 -11.91 -17.48 -43.55
C ALA C 186 -12.96 -16.45 -43.11
N CYS C 187 -14.03 -16.93 -42.51
CA CYS C 187 -15.11 -16.08 -42.05
C CYS C 187 -14.73 -15.27 -40.82
N VAL C 188 -13.73 -14.41 -40.96
CA VAL C 188 -13.29 -13.60 -39.82
C VAL C 188 -14.47 -12.84 -39.22
N GLU C 189 -14.78 -11.68 -39.79
CA GLU C 189 -15.86 -10.79 -39.35
C GLU C 189 -17.03 -11.47 -38.61
N ARG C 190 -17.53 -12.55 -39.19
CA ARG C 190 -18.65 -13.28 -38.60
C ARG C 190 -18.29 -13.72 -37.18
N ILE C 191 -17.14 -14.38 -37.08
CA ILE C 191 -16.62 -14.87 -35.82
C ILE C 191 -16.44 -13.77 -34.77
N GLU C 192 -15.63 -12.76 -35.08
CA GLU C 192 -15.36 -11.65 -34.14
C GLU C 192 -16.63 -11.29 -33.39
N LYS C 193 -17.73 -11.07 -34.11
CA LYS C 193 -19.00 -10.72 -33.46
C LYS C 193 -19.48 -11.86 -32.58
N TYR C 194 -19.23 -13.09 -33.01
CA TYR C 194 -19.61 -14.25 -32.22
C TYR C 194 -18.94 -14.05 -30.88
N GLN C 195 -17.63 -13.83 -30.95
CA GLN C 195 -16.87 -13.60 -29.74
C GLN C 195 -17.49 -12.40 -29.03
N ASP C 196 -17.72 -11.32 -29.76
CA ASP C 196 -18.32 -10.13 -29.18
C ASP C 196 -19.65 -10.52 -28.53
N SER C 197 -20.38 -11.41 -29.19
CA SER C 197 -21.69 -11.89 -28.72
C SER C 197 -21.56 -12.64 -27.38
N PHE C 198 -20.45 -13.37 -27.19
CA PHE C 198 -20.24 -14.07 -25.93
C PHE C 198 -19.69 -13.13 -24.86
N LEU C 199 -18.61 -12.42 -25.19
CA LEU C 199 -18.02 -11.51 -24.22
C LEU C 199 -19.06 -10.72 -23.48
N LEU C 200 -19.94 -10.04 -24.22
CA LEU C 200 -20.99 -9.27 -23.59
C LEU C 200 -21.71 -10.15 -22.57
N ALA C 201 -22.37 -11.19 -23.08
CA ALA C 201 -23.12 -12.11 -22.24
C ALA C 201 -22.33 -12.52 -20.99
N PHE C 202 -21.07 -12.88 -21.22
CA PHE C 202 -20.20 -13.29 -20.12
C PHE C 202 -20.19 -12.19 -19.07
N GLU C 203 -19.82 -10.98 -19.47
CA GLU C 203 -19.76 -9.85 -18.56
C GLU C 203 -21.09 -9.74 -17.82
N HIS C 204 -22.17 -9.63 -18.57
CA HIS C 204 -23.50 -9.52 -17.97
C HIS C 204 -23.65 -10.62 -16.93
N TYR C 205 -23.49 -11.87 -17.38
CA TYR C 205 -23.61 -13.00 -16.45
C TYR C 205 -22.76 -12.71 -15.22
N ILE C 206 -21.65 -12.03 -15.42
CA ILE C 206 -20.79 -11.69 -14.31
C ILE C 206 -21.48 -10.74 -13.35
N ASN C 207 -22.13 -9.74 -13.89
CA ASN C 207 -22.81 -8.79 -13.03
C ASN C 207 -23.85 -9.49 -12.17
N TYR C 208 -24.64 -10.38 -12.76
CA TYR C 208 -25.64 -11.11 -11.97
C TYR C 208 -24.92 -11.87 -10.85
N ARG C 209 -23.78 -12.46 -11.20
CA ARG C 209 -22.98 -13.22 -10.24
C ARG C 209 -22.51 -12.32 -9.09
N LYS C 210 -22.13 -11.10 -9.46
CA LYS C 210 -21.62 -10.13 -8.50
C LYS C 210 -20.69 -10.80 -7.50
N HIS C 211 -19.49 -11.10 -7.97
CA HIS C 211 -18.44 -11.72 -7.17
C HIS C 211 -17.91 -10.70 -6.17
N HIS C 212 -17.34 -11.18 -5.07
CA HIS C 212 -16.75 -10.29 -4.08
C HIS C 212 -15.27 -10.17 -4.46
N VAL C 213 -15.00 -9.53 -5.58
CA VAL C 213 -13.62 -9.34 -6.01
C VAL C 213 -13.48 -8.02 -6.75
N THR C 214 -12.93 -7.06 -6.02
CA THR C 214 -12.66 -5.71 -6.51
C THR C 214 -12.24 -5.63 -7.97
N HIS C 215 -12.49 -4.46 -8.60
CA HIS C 215 -12.07 -4.23 -9.99
C HIS C 215 -12.10 -5.63 -10.63
N PHE C 216 -13.27 -6.11 -11.02
CA PHE C 216 -13.35 -7.48 -11.53
C PHE C 216 -13.09 -7.80 -13.00
N TRP C 217 -14.16 -8.07 -13.75
CA TRP C 217 -14.04 -8.43 -15.16
C TRP C 217 -12.68 -8.10 -15.78
N PRO C 218 -12.28 -6.81 -15.77
CA PRO C 218 -10.98 -6.47 -16.35
C PRO C 218 -9.94 -7.53 -16.02
N LYS C 219 -9.98 -7.98 -14.76
CA LYS C 219 -9.10 -9.03 -14.25
C LYS C 219 -9.37 -10.34 -14.99
N LEU C 220 -10.63 -10.74 -15.01
CA LEU C 220 -11.05 -11.97 -15.67
C LEU C 220 -10.56 -11.95 -17.11
N LEU C 221 -10.63 -10.78 -17.74
CA LEU C 221 -10.16 -10.65 -19.11
C LEU C 221 -8.68 -10.93 -19.18
N MET C 222 -7.94 -10.48 -18.16
CA MET C 222 -6.51 -10.72 -18.16
C MET C 222 -6.26 -12.20 -18.18
N LYS C 223 -7.11 -12.97 -17.52
CA LYS C 223 -6.93 -14.41 -17.52
C LYS C 223 -6.99 -14.98 -18.95
N VAL C 224 -7.86 -14.41 -19.78
CA VAL C 224 -7.97 -14.88 -21.16
C VAL C 224 -6.60 -14.77 -21.75
N THR C 225 -5.95 -13.63 -21.53
CA THR C 225 -4.59 -13.45 -22.03
C THR C 225 -3.68 -14.50 -21.42
N ASP C 226 -3.75 -14.67 -20.09
CA ASP C 226 -2.92 -15.66 -19.44
C ASP C 226 -3.06 -17.00 -20.17
N LEU C 227 -4.29 -17.34 -20.53
CA LEU C 227 -4.51 -18.60 -21.23
C LEU C 227 -3.97 -18.61 -22.66
N ARG C 228 -3.99 -17.47 -23.35
CA ARG C 228 -3.47 -17.41 -24.71
C ARG C 228 -1.97 -17.55 -24.70
N MET C 229 -1.35 -16.96 -23.68
CA MET C 229 0.09 -17.04 -23.51
C MET C 229 0.44 -18.51 -23.33
N ILE C 230 -0.28 -19.17 -22.43
CA ILE C 230 -0.04 -20.58 -22.16
C ILE C 230 -0.07 -21.38 -23.45
N GLY C 231 -1.07 -21.15 -24.27
CA GLY C 231 -1.16 -21.89 -25.50
C GLY C 231 -0.08 -21.54 -26.49
N ALA C 232 0.17 -20.25 -26.63
CA ALA C 232 1.21 -19.81 -27.55
C ALA C 232 2.51 -20.46 -27.13
N CYS C 233 2.78 -20.53 -25.82
CA CYS C 233 4.02 -21.17 -25.41
C CYS C 233 3.99 -22.65 -25.61
N HIS C 234 2.87 -23.28 -25.30
CA HIS C 234 2.76 -24.72 -25.44
C HIS C 234 3.25 -25.17 -26.78
N ALA C 235 2.95 -24.39 -27.82
CA ALA C 235 3.40 -24.76 -29.16
C ALA C 235 4.91 -24.88 -29.19
N SER C 236 5.59 -23.85 -28.69
CA SER C 236 7.04 -23.87 -28.66
C SER C 236 7.47 -25.19 -28.03
N ARG C 237 7.02 -25.43 -26.80
CA ARG C 237 7.36 -26.66 -26.09
C ARG C 237 7.07 -27.90 -26.94
N PHE C 238 6.08 -27.81 -27.81
CA PHE C 238 5.74 -28.95 -28.63
C PHE C 238 6.93 -29.36 -29.47
N LEU C 239 7.56 -28.38 -30.12
CA LEU C 239 8.74 -28.65 -30.97
C LEU C 239 9.87 -29.40 -30.23
N HIS C 240 10.26 -28.91 -29.05
CA HIS C 240 11.30 -29.59 -28.30
C HIS C 240 10.81 -30.99 -28.04
N MET C 241 9.56 -31.10 -27.59
CA MET C 241 8.98 -32.40 -27.29
C MET C 241 9.14 -33.36 -28.48
N LYS C 242 9.09 -32.82 -29.69
CA LYS C 242 9.21 -33.61 -30.92
C LYS C 242 10.70 -33.93 -31.23
N VAL C 243 11.60 -33.39 -30.42
CA VAL C 243 13.04 -33.62 -30.61
C VAL C 243 13.60 -34.48 -29.48
N GLU C 244 13.14 -34.20 -28.27
CA GLU C 244 13.59 -34.92 -27.10
C GLU C 244 12.69 -36.13 -26.81
N CYS C 245 11.69 -36.39 -27.65
CA CYS C 245 10.77 -37.51 -27.41
C CYS C 245 10.54 -38.39 -28.63
N PRO C 246 10.24 -39.68 -28.41
CA PRO C 246 9.98 -40.64 -29.50
C PRO C 246 8.73 -40.32 -30.29
N THR C 247 8.81 -40.36 -31.62
CA THR C 247 7.63 -40.08 -32.41
C THR C 247 6.73 -41.29 -32.23
N GLU C 248 7.20 -42.22 -31.40
CA GLU C 248 6.50 -43.45 -31.08
C GLU C 248 5.59 -43.26 -29.85
N LEU C 249 5.56 -42.04 -29.34
CA LEU C 249 4.75 -41.72 -28.16
C LEU C 249 3.72 -40.64 -28.44
N PHE C 250 3.75 -40.09 -29.67
CA PHE C 250 2.84 -39.02 -30.07
C PHE C 250 1.53 -39.46 -30.70
N PRO C 251 0.46 -39.62 -29.91
CA PRO C 251 -0.78 -40.01 -30.56
C PRO C 251 -1.06 -39.11 -31.76
N PRO C 252 -1.79 -39.62 -32.75
CA PRO C 252 -2.09 -38.80 -33.91
C PRO C 252 -2.75 -37.46 -33.65
N LEU C 253 -3.99 -37.48 -33.15
CA LEU C 253 -4.71 -36.27 -32.85
C LEU C 253 -3.78 -35.27 -32.18
N PHE C 254 -2.96 -35.77 -31.26
CA PHE C 254 -2.03 -34.87 -30.58
C PHE C 254 -1.32 -34.15 -31.72
N LEU C 255 -0.60 -34.90 -32.53
CA LEU C 255 0.11 -34.33 -33.68
C LEU C 255 -0.84 -33.59 -34.62
N GLU C 256 -1.95 -34.22 -34.93
CA GLU C 256 -2.90 -33.60 -35.83
C GLU C 256 -3.22 -32.19 -35.34
N VAL C 257 -3.33 -32.02 -34.03
CA VAL C 257 -3.68 -30.70 -33.51
C VAL C 257 -2.53 -29.70 -33.47
N PHE C 258 -1.45 -30.03 -32.77
CA PHE C 258 -0.33 -29.10 -32.67
C PHE C 258 0.61 -29.02 -33.88
N GLU C 259 0.75 -30.13 -34.61
CA GLU C 259 1.61 -30.16 -35.79
C GLU C 259 1.05 -29.10 -36.74
N ASP C 260 1.94 -28.42 -37.43
CA ASP C 260 1.60 -27.35 -38.39
C ASP C 260 0.70 -27.87 -39.51
N HIS D 2 -6.40 -31.33 -41.61
CA HIS D 2 -7.08 -32.71 -41.72
C HIS D 2 -6.96 -33.87 -40.71
N LYS D 3 -7.49 -34.95 -41.36
CA LYS D 3 -7.60 -36.38 -40.95
C LYS D 3 -8.75 -36.64 -39.97
N ILE D 4 -8.33 -36.95 -38.77
CA ILE D 4 -9.21 -37.31 -37.65
C ILE D 4 -10.24 -36.21 -37.35
N LEU D 5 -9.73 -35.07 -36.91
CA LEU D 5 -10.56 -33.91 -36.57
C LEU D 5 -11.78 -33.94 -37.43
N HIS D 6 -11.52 -33.91 -38.70
CA HIS D 6 -12.60 -34.01 -39.59
C HIS D 6 -13.49 -35.11 -38.98
N ARG D 7 -12.96 -36.30 -38.78
CA ARG D 7 -13.78 -37.43 -38.26
C ARG D 7 -14.67 -37.02 -37.04
N LEU D 8 -14.11 -36.22 -36.15
CA LEU D 8 -14.80 -35.82 -34.91
C LEU D 8 -15.89 -34.76 -35.14
N LEU D 9 -15.69 -34.01 -36.20
CA LEU D 9 -16.61 -32.94 -36.56
C LEU D 9 -17.79 -33.48 -37.36
N GLN D 10 -17.75 -34.75 -37.66
CA GLN D 10 -18.76 -35.33 -38.56
C GLN D 10 -19.72 -36.31 -37.89
N ASP D 11 -19.26 -36.93 -36.85
CA ASP D 11 -20.06 -37.91 -36.11
C ASP D 11 -21.28 -37.22 -35.50
N SER D 12 -22.43 -37.78 -35.77
CA SER D 12 -23.67 -37.31 -35.17
C SER D 12 -23.64 -37.83 -33.71
N SER D 13 -24.08 -39.05 -33.57
CA SER D 13 -23.92 -39.92 -32.36
C SER D 13 -24.56 -39.62 -30.99
#